data_5WO4
#
_entry.id   5WO4
#
_cell.length_a   42.570
_cell.length_b   173.360
_cell.length_c   44.650
_cell.angle_alpha   90.00
_cell.angle_beta   93.94
_cell.angle_gamma   90.00
#
_symmetry.space_group_name_H-M   'P 1 21 1'
#
loop_
_entity.id
_entity.type
_entity.pdbx_description
1 polymer 'Tyrosine-protein kinase JAK1'
2 non-polymer 3-[(4-chloro-3-methoxyphenyl)amino]-1-[(3R,4S)-4-cyanooxan-3-yl]-1H-pyrazole-4-carboxamide
3 water water
#
_entity_poly.entity_id   1
_entity_poly.type   'polypeptide(L)'
_entity_poly.pdbx_seq_one_letter_code
;GDIVSEKKPATEVDPTHFEKRFLKRIRDLGEGHFGKVELCRYDPEGDNTGEQVAVKSLKPESGGNHIADLKKEIEILRNL
YHENIVKYKGICTEDGGNGIKLIMEFLPSGSLKEYLPKNKNKINLKQQLKYAVQICKGMDYLGSRQYVHRDLAARNVLVE
SEHQVKIGDFGLTKAIETDKE(PTR)(PTR)TVKDDRDSPVFWYAPECLMQSKFYIASDVWSFGVTLHELLTYCDSDSSP
MALFLKMIGPTHGQMTVTRLVNTLKEGKRLPCPPNCPDEVYQLMRKCWEFQPSNRTSFQNLIEGFEALLK
;
_entity_poly.pdbx_strand_id   A,B
#
loop_
_chem_comp.id
_chem_comp.type
_chem_comp.name
_chem_comp.formula
B7V non-polymer 3-[(4-chloro-3-methoxyphenyl)amino]-1-[(3R,4S)-4-cyanooxan-3-yl]-1H-pyrazole-4-carboxamide 'C17 H18 Cl N5 O3'
#
# COMPACT_ATOMS: atom_id res chain seq x y z
N ASP A 2 -28.69 10.47 64.61
CA ASP A 2 -28.40 11.36 63.49
C ASP A 2 -27.79 10.63 62.30
N ILE A 3 -27.91 11.23 61.11
CA ILE A 3 -27.37 10.73 59.83
C ILE A 3 -25.85 10.50 59.94
N VAL A 4 -25.35 9.44 59.31
CA VAL A 4 -23.91 9.16 59.36
C VAL A 4 -23.29 9.44 57.99
N SER A 5 -22.40 10.42 57.95
CA SER A 5 -21.70 10.82 56.73
C SER A 5 -20.24 10.34 56.83
N GLU A 6 -19.43 10.59 55.80
CA GLU A 6 -18.03 10.22 55.77
C GLU A 6 -17.19 11.42 56.24
N LYS A 7 -16.21 11.17 57.14
CA LYS A 7 -15.25 12.15 57.65
C LYS A 7 -14.42 12.61 56.44
N LYS A 8 -14.21 13.92 56.28
CA LYS A 8 -13.44 14.46 55.16
C LYS A 8 -11.93 14.23 55.44
N PRO A 9 -11.24 13.39 54.63
CA PRO A 9 -9.82 13.10 54.94
C PRO A 9 -8.84 14.02 54.20
N ALA A 10 -7.61 13.51 53.93
CA ALA A 10 -6.54 14.21 53.22
C ALA A 10 -6.94 14.53 51.78
N THR A 11 -6.79 15.82 51.38
CA THR A 11 -7.15 16.31 50.05
C THR A 11 -6.05 17.18 49.42
N GLU A 12 -4.83 16.63 49.28
CA GLU A 12 -3.71 17.34 48.66
C GLU A 12 -3.94 17.51 47.16
N VAL A 13 -3.98 18.76 46.68
CA VAL A 13 -4.25 19.07 45.28
C VAL A 13 -3.07 18.62 44.37
N ASP A 14 -3.38 17.78 43.35
CA ASP A 14 -2.39 17.25 42.41
C ASP A 14 -2.13 18.30 41.30
N PRO A 15 -0.89 18.84 41.16
CA PRO A 15 -0.63 19.86 40.12
C PRO A 15 -0.72 19.34 38.67
N THR A 16 -0.73 18.01 38.51
CA THR A 16 -0.80 17.34 37.20
C THR A 16 -2.22 16.91 36.85
N HIS A 17 -3.22 17.27 37.69
CA HIS A 17 -4.61 16.92 37.43
C HIS A 17 -5.34 18.16 36.94
N PHE A 18 -5.82 18.14 35.69
CA PHE A 18 -6.46 19.28 35.10
C PHE A 18 -7.96 18.96 35.09
N GLU A 19 -8.78 19.83 35.68
CA GLU A 19 -10.23 19.64 35.72
C GLU A 19 -10.84 19.98 34.37
N LYS A 20 -11.68 19.08 33.80
CA LYS A 20 -12.34 19.28 32.51
C LYS A 20 -13.06 20.63 32.39
N ARG A 21 -13.79 21.04 33.44
CA ARG A 21 -14.58 22.28 33.46
C ARG A 21 -13.77 23.56 33.27
N PHE A 22 -12.43 23.51 33.57
CA PHE A 22 -11.58 24.69 33.40
C PHE A 22 -10.71 24.67 32.14
N LEU A 23 -10.76 23.57 31.39
CA LEU A 23 -9.96 23.36 30.19
C LEU A 23 -10.76 23.82 28.96
N LYS A 24 -10.49 25.06 28.52
CA LYS A 24 -11.26 25.70 27.45
C LYS A 24 -10.55 25.67 26.11
N ARG A 25 -11.18 25.02 25.12
CA ARG A 25 -10.61 24.88 23.79
C ARG A 25 -10.48 26.21 23.04
N ILE A 26 -9.31 26.46 22.45
CA ILE A 26 -9.07 27.66 21.63
C ILE A 26 -9.10 27.26 20.15
N ARG A 27 -8.18 26.38 19.71
CA ARG A 27 -8.10 25.98 18.32
C ARG A 27 -7.41 24.63 18.18
N ASP A 28 -7.52 24.00 16.99
CA ASP A 28 -6.85 22.75 16.69
C ASP A 28 -5.40 23.08 16.32
N LEU A 29 -4.48 22.19 16.71
CA LEU A 29 -3.06 22.33 16.38
C LEU A 29 -2.66 21.26 15.37
N GLY A 30 -3.21 20.07 15.53
CA GLY A 30 -2.88 18.97 14.64
C GLY A 30 -3.65 17.73 14.95
N GLU A 31 -3.40 16.69 14.13
CA GLU A 31 -4.04 15.38 14.17
C GLU A 31 -2.99 14.31 13.82
N GLY A 32 -3.25 13.08 14.24
CA GLY A 32 -2.36 11.98 13.94
C GLY A 32 -2.67 10.71 14.69
N HIS A 33 -2.94 9.64 13.93
CA HIS A 33 -3.22 8.29 14.41
C HIS A 33 -4.22 8.23 15.58
N PHE A 34 -5.51 8.47 15.24
CA PHE A 34 -6.68 8.42 16.13
C PHE A 34 -6.68 9.50 17.26
N GLY A 35 -5.65 10.35 17.27
CA GLY A 35 -5.48 11.44 18.22
C GLY A 35 -5.56 12.82 17.58
N LYS A 36 -5.96 13.81 18.37
CA LYS A 36 -6.00 15.21 17.92
C LYS A 36 -5.41 16.09 19.02
N VAL A 37 -4.71 17.13 18.61
CA VAL A 37 -4.06 18.04 19.54
C VAL A 37 -4.71 19.39 19.39
N GLU A 38 -5.10 19.99 20.52
CA GLU A 38 -5.73 21.31 20.51
C GLU A 38 -5.01 22.24 21.47
N LEU A 39 -5.01 23.54 21.17
CA LEU A 39 -4.53 24.55 22.06
C LEU A 39 -5.75 24.85 22.98
N CYS A 40 -5.53 24.82 24.30
CA CYS A 40 -6.55 25.14 25.31
C CYS A 40 -5.97 26.12 26.27
N ARG A 41 -6.83 26.82 27.00
CA ARG A 41 -6.39 27.64 28.09
C ARG A 41 -6.92 26.95 29.33
N TYR A 42 -6.06 26.68 30.33
CA TYR A 42 -6.56 26.10 31.57
C TYR A 42 -6.87 27.30 32.42
N ASP A 43 -8.17 27.61 32.58
CA ASP A 43 -8.58 28.85 33.20
C ASP A 43 -9.46 28.66 34.45
N PRO A 44 -8.91 28.14 35.58
CA PRO A 44 -9.74 27.97 36.79
C PRO A 44 -10.36 29.24 37.35
N GLU A 45 -9.77 30.42 37.07
CA GLU A 45 -10.33 31.69 37.58
C GLU A 45 -11.36 32.31 36.61
N GLY A 46 -11.53 31.71 35.43
CA GLY A 46 -12.51 32.11 34.41
C GLY A 46 -12.47 33.53 33.89
N ASP A 47 -11.27 34.13 33.79
CA ASP A 47 -11.07 35.49 33.29
C ASP A 47 -10.05 35.60 32.12
N ASN A 48 -9.73 34.48 31.43
CA ASN A 48 -8.77 34.44 30.32
C ASN A 48 -7.32 34.68 30.76
N THR A 49 -6.98 34.43 32.06
CA THR A 49 -5.60 34.68 32.50
C THR A 49 -4.80 33.40 32.68
N GLY A 50 -5.48 32.25 32.59
CA GLY A 50 -4.85 30.94 32.76
C GLY A 50 -3.79 30.60 31.74
N GLU A 51 -2.98 29.57 32.03
CA GLU A 51 -1.92 29.13 31.13
C GLU A 51 -2.46 28.43 29.88
N GLN A 52 -1.80 28.67 28.74
CA GLN A 52 -2.14 27.98 27.50
C GLN A 52 -1.43 26.63 27.56
N VAL A 53 -2.11 25.58 27.12
CA VAL A 53 -1.59 24.21 27.13
C VAL A 53 -1.95 23.52 25.83
N ALA A 54 -1.17 22.51 25.42
CA ALA A 54 -1.48 21.70 24.25
C ALA A 54 -2.15 20.44 24.83
N VAL A 55 -3.30 20.06 24.26
CA VAL A 55 -4.08 18.93 24.79
C VAL A 55 -4.27 17.88 23.75
N LYS A 56 -3.80 16.65 24.02
CA LYS A 56 -4.00 15.55 23.09
C LYS A 56 -5.15 14.68 23.58
N SER A 57 -6.10 14.39 22.69
CA SER A 57 -7.22 13.54 23.07
C SER A 57 -7.55 12.60 21.92
N LEU A 58 -8.43 11.64 22.15
CA LEU A 58 -8.84 10.71 21.09
C LEU A 58 -9.85 11.39 20.19
N LYS A 59 -9.80 11.09 18.89
CA LYS A 59 -10.80 11.56 17.93
C LYS A 59 -12.03 10.64 18.12
N PRO A 60 -13.25 11.18 18.36
CA PRO A 60 -14.41 10.29 18.57
C PRO A 60 -14.80 9.45 17.36
N ASN A 65 -11.57 3.27 21.57
CA ASN A 65 -10.97 1.94 21.45
C ASN A 65 -9.44 2.00 21.35
N HIS A 66 -8.90 3.16 20.93
CA HIS A 66 -7.46 3.43 20.85
C HIS A 66 -7.01 4.14 22.15
N ILE A 67 -7.85 4.05 23.20
CA ILE A 67 -7.66 4.60 24.55
C ILE A 67 -6.39 4.02 25.15
N ALA A 68 -6.15 2.71 24.92
CA ALA A 68 -4.96 2.02 25.42
C ALA A 68 -3.69 2.65 24.84
N ASP A 69 -3.71 2.98 23.53
CA ASP A 69 -2.57 3.62 22.85
C ASP A 69 -2.28 5.01 23.44
N LEU A 70 -3.32 5.79 23.71
CA LEU A 70 -3.16 7.10 24.31
C LEU A 70 -2.58 7.00 25.71
N LYS A 71 -3.09 6.06 26.54
CA LYS A 71 -2.61 5.83 27.90
C LYS A 71 -1.14 5.45 27.91
N LYS A 72 -0.73 4.60 26.95
CA LYS A 72 0.66 4.17 26.80
C LYS A 72 1.55 5.38 26.42
N GLU A 73 1.06 6.24 25.51
CA GLU A 73 1.80 7.45 25.12
C GLU A 73 1.96 8.39 26.32
N ILE A 74 0.85 8.60 27.08
CA ILE A 74 0.85 9.43 28.29
C ILE A 74 1.92 8.93 29.28
N GLU A 75 1.97 7.61 29.51
CA GLU A 75 2.91 7.03 30.45
C GLU A 75 4.35 7.18 29.98
N ILE A 76 4.59 7.11 28.65
CA ILE A 76 5.94 7.30 28.12
C ILE A 76 6.40 8.74 28.37
N LEU A 77 5.58 9.71 27.91
CA LEU A 77 5.94 11.11 28.02
C LEU A 77 6.11 11.58 29.47
N ARG A 78 5.23 11.13 30.38
CA ARG A 78 5.28 11.47 31.80
C ARG A 78 6.65 11.21 32.41
N ASN A 79 7.34 10.18 31.91
CA ASN A 79 8.62 9.73 32.43
C ASN A 79 9.83 10.16 31.59
N LEU A 80 9.64 10.99 30.56
CA LEU A 80 10.79 11.47 29.78
C LEU A 80 11.11 12.87 30.27
N TYR A 81 12.39 13.11 30.57
CA TYR A 81 12.84 14.42 31.07
C TYR A 81 14.11 14.79 30.32
N HIS A 82 13.99 15.67 29.34
CA HIS A 82 15.13 16.10 28.53
C HIS A 82 14.83 17.45 27.94
N GLU A 83 15.85 18.29 27.82
CA GLU A 83 15.76 19.65 27.27
C GLU A 83 15.11 19.68 25.89
N ASN A 84 15.32 18.62 25.09
CA ASN A 84 14.80 18.56 23.74
C ASN A 84 13.62 17.61 23.57
N ILE A 85 12.85 17.42 24.64
CA ILE A 85 11.64 16.65 24.62
C ILE A 85 10.56 17.53 25.25
N VAL A 86 9.42 17.69 24.57
CA VAL A 86 8.28 18.49 25.08
C VAL A 86 7.91 18.06 26.50
N LYS A 87 7.56 19.03 27.34
CA LYS A 87 7.21 18.77 28.72
C LYS A 87 5.78 18.31 28.91
N TYR A 88 5.66 17.20 29.61
CA TYR A 88 4.40 16.67 30.09
C TYR A 88 3.96 17.61 31.21
N LYS A 89 2.67 17.99 31.24
CA LYS A 89 2.12 18.83 32.30
C LYS A 89 1.13 18.04 33.17
N GLY A 90 0.39 17.16 32.54
CA GLY A 90 -0.56 16.36 33.29
C GLY A 90 -1.63 15.68 32.47
N ILE A 91 -2.74 15.36 33.15
CA ILE A 91 -3.85 14.70 32.50
C ILE A 91 -5.15 15.31 32.91
N CYS A 92 -6.15 15.10 32.07
CA CYS A 92 -7.53 15.44 32.35
C CYS A 92 -8.31 14.12 32.19
N THR A 93 -8.87 13.59 33.29
CA THR A 93 -9.61 12.32 33.27
C THR A 93 -11.11 12.58 33.39
N GLU A 94 -11.92 11.93 32.51
CA GLU A 94 -13.38 12.06 32.50
C GLU A 94 -14.03 11.44 33.75
N ASN A 98 -13.67 6.44 31.69
CA ASN A 98 -12.53 5.75 31.07
C ASN A 98 -11.67 6.70 30.22
N GLY A 99 -12.25 7.84 29.81
CA GLY A 99 -11.63 8.87 28.99
C GLY A 99 -10.44 9.56 29.64
N ILE A 100 -9.50 10.06 28.81
CA ILE A 100 -8.29 10.73 29.29
C ILE A 100 -7.77 11.69 28.23
N LYS A 101 -7.17 12.80 28.66
CA LYS A 101 -6.55 13.78 27.76
C LYS A 101 -5.14 14.03 28.26
N LEU A 102 -4.17 14.14 27.35
CA LEU A 102 -2.77 14.39 27.73
C LEU A 102 -2.53 15.91 27.64
N ILE A 103 -2.01 16.50 28.71
CA ILE A 103 -1.75 17.94 28.79
C ILE A 103 -0.25 18.15 28.69
N MET A 104 0.15 19.00 27.75
CA MET A 104 1.56 19.29 27.50
C MET A 104 1.81 20.78 27.44
N GLU A 105 3.06 21.20 27.60
CA GLU A 105 3.36 22.62 27.44
C GLU A 105 3.04 23.05 26.00
N PHE A 106 2.66 24.30 25.83
CA PHE A 106 2.30 24.81 24.51
C PHE A 106 3.47 25.61 23.96
N LEU A 107 3.90 25.26 22.75
CA LEU A 107 5.02 25.97 22.08
C LEU A 107 4.43 26.76 20.91
N PRO A 108 4.20 28.10 21.10
CA PRO A 108 3.46 28.88 20.08
C PRO A 108 4.05 28.92 18.67
N SER A 109 5.37 28.74 18.54
CA SER A 109 6.04 28.74 17.24
C SER A 109 5.70 27.54 16.38
N GLY A 110 5.08 26.52 16.96
CA GLY A 110 4.71 25.34 16.22
C GLY A 110 5.89 24.45 15.89
N SER A 111 5.71 23.64 14.89
CA SER A 111 6.71 22.71 14.47
C SER A 111 7.62 23.37 13.45
N LEU A 112 8.70 22.65 13.07
CA LEU A 112 9.62 23.09 12.00
C LEU A 112 8.86 23.32 10.68
N LYS A 113 7.78 22.55 10.43
CA LYS A 113 6.93 22.72 9.24
C LYS A 113 6.32 24.12 9.13
N GLU A 114 5.85 24.69 10.25
CA GLU A 114 5.27 26.03 10.30
C GLU A 114 6.36 27.08 10.40
N TYR A 115 7.33 26.82 11.28
CA TYR A 115 8.34 27.79 11.64
C TYR A 115 9.38 28.05 10.54
N LEU A 116 10.01 27.01 9.99
CA LEU A 116 11.08 27.20 9.01
C LEU A 116 10.66 28.04 7.76
N PRO A 117 9.50 27.82 7.10
CA PRO A 117 9.16 28.66 5.94
C PRO A 117 9.03 30.15 6.23
N LYS A 118 8.71 30.50 7.47
CA LYS A 118 8.48 31.86 7.94
C LYS A 118 9.70 32.53 8.53
N ASN A 119 10.80 31.78 8.80
CA ASN A 119 11.94 32.33 9.50
C ASN A 119 13.28 32.03 8.83
N LYS A 120 13.28 31.78 7.52
CA LYS A 120 14.51 31.50 6.75
C LYS A 120 15.58 32.57 6.98
N ASN A 121 15.16 33.84 7.05
CA ASN A 121 16.08 34.95 7.27
C ASN A 121 16.85 34.89 8.58
N LYS A 122 16.22 34.37 9.63
CA LYS A 122 16.77 34.24 10.99
C LYS A 122 17.55 32.93 11.18
N ILE A 123 17.22 31.89 10.39
CA ILE A 123 17.78 30.55 10.56
C ILE A 123 18.77 30.20 9.47
N ASN A 124 20.07 30.33 9.74
CA ASN A 124 21.13 30.00 8.79
C ASN A 124 21.63 28.55 8.98
N LEU A 125 22.63 28.13 8.18
CA LEU A 125 23.18 26.78 8.27
C LEU A 125 23.65 26.44 9.68
N LYS A 126 24.37 27.36 10.34
CA LYS A 126 24.84 27.16 11.71
C LYS A 126 23.65 26.84 12.65
N GLN A 127 22.54 27.60 12.53
CA GLN A 127 21.37 27.36 13.36
C GLN A 127 20.71 26.00 13.00
N GLN A 128 20.65 25.66 11.72
CA GLN A 128 20.09 24.37 11.30
C GLN A 128 20.90 23.23 11.90
N LEU A 129 22.24 23.36 11.89
CA LEU A 129 23.07 22.30 12.48
C LEU A 129 22.92 22.19 13.99
N LYS A 130 22.67 23.33 14.66
CA LYS A 130 22.41 23.31 16.11
C LYS A 130 21.05 22.62 16.40
N TYR A 131 20.04 22.87 15.55
CA TYR A 131 18.74 22.16 15.69
C TYR A 131 18.98 20.65 15.44
N ALA A 132 19.80 20.29 14.45
CA ALA A 132 20.09 18.87 14.14
C ALA A 132 20.75 18.17 15.34
N VAL A 133 21.72 18.84 16.02
CA VAL A 133 22.33 18.31 17.25
C VAL A 133 21.25 18.08 18.35
N GLN A 134 20.39 19.06 18.58
CA GLN A 134 19.34 18.96 19.59
C GLN A 134 18.36 17.82 19.29
N ILE A 135 17.96 17.64 18.02
CA ILE A 135 17.08 16.49 17.65
C ILE A 135 17.81 15.19 17.97
N CYS A 136 19.09 15.10 17.60
CA CYS A 136 19.91 13.89 17.91
C CYS A 136 20.04 13.61 19.40
N LYS A 137 20.20 14.65 20.24
CA LYS A 137 20.32 14.50 21.69
C LYS A 137 18.98 14.00 22.27
N GLY A 138 17.84 14.54 21.80
CA GLY A 138 16.54 14.08 22.27
C GLY A 138 16.32 12.62 21.87
N MET A 139 16.70 12.28 20.65
CA MET A 139 16.54 10.92 20.10
C MET A 139 17.48 9.93 20.78
N ASP A 140 18.71 10.35 21.08
CA ASP A 140 19.67 9.49 21.78
C ASP A 140 19.19 9.22 23.20
N TYR A 141 18.58 10.22 23.85
CA TYR A 141 17.96 10.07 25.16
C TYR A 141 16.83 9.03 25.09
N LEU A 142 15.95 9.11 24.06
CA LEU A 142 14.84 8.19 23.87
C LEU A 142 15.34 6.76 23.67
N GLY A 143 16.38 6.61 22.85
CA GLY A 143 16.99 5.30 22.58
C GLY A 143 17.59 4.66 23.82
N SER A 144 18.16 5.48 24.71
CA SER A 144 18.75 5.02 25.97
C SER A 144 17.69 4.53 26.96
N ARG A 145 16.42 4.90 26.72
CA ARG A 145 15.30 4.46 27.53
C ARG A 145 14.63 3.25 26.85
N GLN A 146 15.28 2.73 25.79
CA GLN A 146 14.89 1.58 24.98
C GLN A 146 13.58 1.82 24.23
N TYR A 147 13.41 3.03 23.67
CA TYR A 147 12.25 3.36 22.88
C TYR A 147 12.64 3.60 21.43
N VAL A 148 11.72 3.27 20.52
CA VAL A 148 11.81 3.59 19.10
C VAL A 148 10.71 4.58 18.87
N HIS A 149 11.03 5.73 18.27
CA HIS A 149 10.05 6.79 18.03
C HIS A 149 9.07 6.44 16.91
N ARG A 150 9.61 5.93 15.79
CA ARG A 150 8.83 5.49 14.61
C ARG A 150 8.11 6.62 13.82
N ASP A 151 8.18 7.88 14.27
CA ASP A 151 7.46 8.95 13.57
C ASP A 151 8.32 10.23 13.54
N LEU A 152 9.64 10.08 13.42
CA LEU A 152 10.52 11.25 13.43
C LEU A 152 10.46 11.96 12.08
N ALA A 153 9.85 13.15 12.09
CA ALA A 153 9.64 13.98 10.92
C ALA A 153 9.62 15.41 11.42
N ALA A 154 9.88 16.39 10.54
CA ALA A 154 9.89 17.81 10.92
C ALA A 154 8.55 18.27 11.54
N ARG A 155 7.44 17.69 11.13
CA ARG A 155 6.10 18.02 11.70
C ARG A 155 5.99 17.68 13.20
N ASN A 156 6.87 16.76 13.69
CA ASN A 156 6.90 16.37 15.09
C ASN A 156 8.04 17.00 15.90
N VAL A 157 8.69 18.02 15.32
CA VAL A 157 9.77 18.73 16.00
C VAL A 157 9.29 20.14 16.23
N LEU A 158 9.09 20.50 17.50
CA LEU A 158 8.56 21.79 17.91
C LEU A 158 9.66 22.83 18.14
N VAL A 159 9.34 24.09 17.86
CA VAL A 159 10.27 25.18 18.06
C VAL A 159 9.96 25.86 19.36
N GLU A 160 10.87 25.74 20.31
CA GLU A 160 10.74 26.40 21.62
C GLU A 160 11.16 27.88 21.48
N SER A 161 12.19 28.12 20.69
CA SER A 161 12.75 29.46 20.41
C SER A 161 13.61 29.34 19.17
N GLU A 162 14.17 30.47 18.71
CA GLU A 162 15.09 30.50 17.59
C GLU A 162 16.31 29.61 17.93
N HIS A 163 16.58 29.37 19.21
CA HIS A 163 17.75 28.61 19.64
C HIS A 163 17.47 27.18 20.11
N GLN A 164 16.19 26.78 20.18
CA GLN A 164 15.89 25.46 20.77
C GLN A 164 14.70 24.76 20.14
N VAL A 165 14.85 23.46 19.87
CA VAL A 165 13.78 22.61 19.36
C VAL A 165 13.53 21.48 20.37
N LYS A 166 12.33 20.89 20.32
CA LYS A 166 11.95 19.77 21.19
C LYS A 166 11.18 18.78 20.34
N ILE A 167 11.40 17.49 20.55
CA ILE A 167 10.55 16.47 19.88
C ILE A 167 9.19 16.59 20.61
N GLY A 168 8.10 16.81 19.86
CA GLY A 168 6.81 17.13 20.46
C GLY A 168 5.65 16.15 20.33
N ASP A 169 5.88 14.96 19.79
CA ASP A 169 4.78 13.97 19.66
C ASP A 169 5.37 12.58 19.80
N PHE A 170 4.69 11.70 20.54
CA PHE A 170 5.19 10.33 20.82
C PHE A 170 4.10 9.29 20.56
N GLY A 171 3.17 9.65 19.68
CA GLY A 171 2.02 8.84 19.28
C GLY A 171 2.31 7.45 18.77
N LEU A 172 3.46 7.24 18.14
CA LEU A 172 3.85 5.93 17.58
C LEU A 172 4.98 5.25 18.36
N THR A 173 5.45 5.87 19.45
CA THR A 173 6.59 5.42 20.24
C THR A 173 6.34 4.06 20.90
N LYS A 174 7.28 3.13 20.70
CA LYS A 174 7.19 1.77 21.22
C LYS A 174 8.45 1.40 21.97
N ALA A 175 8.30 0.54 23.00
CA ALA A 175 9.44 0.05 23.78
C ALA A 175 10.06 -1.14 23.02
N ILE A 176 11.38 -1.20 22.95
CA ILE A 176 12.11 -2.34 22.36
C ILE A 176 12.45 -3.22 23.56
N GLU A 177 12.04 -4.51 23.50
CA GLU A 177 12.26 -5.50 24.56
C GLU A 177 13.76 -5.63 24.85
N THR A 178 14.13 -5.74 26.14
CA THR A 178 15.52 -5.90 26.58
C THR A 178 16.14 -7.10 25.85
N ASP A 179 17.39 -6.95 25.38
CA ASP A 179 18.19 -7.93 24.62
C ASP A 179 17.58 -8.27 23.24
N LYS A 180 16.61 -7.45 22.77
CA LYS A 180 16.04 -7.56 21.43
C LYS A 180 16.51 -6.32 20.68
N GLU A 181 16.52 -6.36 19.34
CA GLU A 181 17.03 -5.20 18.62
C GLU A 181 15.94 -4.41 17.92
N PTR A 182 14.72 -4.96 17.84
CA PTR A 182 13.63 -4.29 17.14
C PTR A 182 12.26 -4.57 17.70
O PTR A 182 12.10 -5.51 18.47
CB PTR A 182 13.67 -4.64 15.60
CG PTR A 182 13.48 -6.13 15.32
CD1 PTR A 182 14.60 -6.99 15.29
CD2 PTR A 182 12.16 -6.62 15.09
CE1 PTR A 182 14.39 -8.36 15.04
CE2 PTR A 182 11.95 -7.99 14.86
CZ PTR A 182 13.06 -8.87 14.84
OH PTR A 182 12.71 -10.19 14.57
P PTR A 182 13.71 -11.35 14.76
O1P PTR A 182 12.81 -12.54 14.41
O2P PTR A 182 14.23 -11.45 16.20
O3P PTR A 182 14.90 -11.30 13.81
N PTR A 183 11.29 -3.77 17.25
CA PTR A 183 9.88 -3.92 17.57
C PTR A 183 9.15 -4.23 16.26
O PTR A 183 9.34 -3.51 15.27
CB PTR A 183 9.36 -2.58 18.20
CG PTR A 183 7.87 -2.63 18.41
CD1 PTR A 183 6.98 -2.10 17.44
CD2 PTR A 183 7.40 -3.23 19.58
CE1 PTR A 183 5.56 -2.20 17.64
CE2 PTR A 183 6.01 -3.32 19.77
CZ PTR A 183 5.06 -2.81 18.82
OH PTR A 183 3.66 -2.85 18.95
P PTR A 183 2.98 -3.54 20.22
O1P PTR A 183 1.48 -3.41 20.04
O2P PTR A 183 3.36 -5.01 20.36
O3P PTR A 183 3.40 -2.86 21.54
N THR A 184 8.31 -5.27 16.26
CA THR A 184 7.48 -5.64 15.11
C THR A 184 6.13 -4.93 15.23
N VAL A 185 5.77 -4.11 14.24
CA VAL A 185 4.48 -3.42 14.33
C VAL A 185 3.39 -4.18 13.54
N LYS A 186 2.15 -4.06 14.01
CA LYS A 186 0.96 -4.69 13.44
C LYS A 186 0.06 -3.64 12.80
N ASP A 187 -0.20 -2.52 13.49
CA ASP A 187 -1.02 -1.44 12.92
C ASP A 187 -0.07 -0.54 12.13
N ASP A 188 -0.16 -0.59 10.79
CA ASP A 188 0.72 0.16 9.90
C ASP A 188 -0.01 0.88 8.76
N ARG A 189 -1.34 0.85 8.76
CA ARG A 189 -2.22 1.46 7.75
C ARG A 189 -1.86 2.94 7.41
N ASP A 190 -1.51 3.75 8.44
CA ASP A 190 -1.17 5.15 8.22
C ASP A 190 0.31 5.47 8.53
N SER A 191 1.22 4.58 8.09
CA SER A 191 2.66 4.72 8.25
C SER A 191 3.24 5.90 7.42
N PRO A 192 4.21 6.69 7.96
CA PRO A 192 4.87 7.75 7.15
C PRO A 192 5.96 7.12 6.28
N VAL A 193 5.53 6.37 5.24
CA VAL A 193 6.41 5.56 4.42
C VAL A 193 7.63 6.32 3.82
N PHE A 194 7.50 7.60 3.46
CA PHE A 194 8.63 8.33 2.86
C PHE A 194 9.72 8.73 3.90
N TRP A 195 9.48 8.41 5.18
CA TRP A 195 10.47 8.65 6.26
C TRP A 195 11.02 7.33 6.78
N TYR A 196 10.54 6.20 6.22
CA TYR A 196 10.85 4.87 6.71
C TYR A 196 11.97 4.15 6.04
N ALA A 197 12.78 3.49 6.89
CA ALA A 197 13.88 2.66 6.48
C ALA A 197 13.34 1.38 5.75
N PRO A 198 14.16 0.74 4.88
CA PRO A 198 13.66 -0.44 4.15
C PRO A 198 13.09 -1.57 5.00
N GLU A 199 13.73 -1.89 6.14
CA GLU A 199 13.28 -2.93 7.09
C GLU A 199 11.87 -2.67 7.65
N CYS A 200 11.50 -1.38 7.83
CA CYS A 200 10.18 -0.93 8.29
C CYS A 200 9.17 -1.15 7.17
N LEU A 201 9.57 -0.86 5.93
CA LEU A 201 8.66 -0.97 4.79
C LEU A 201 8.45 -2.42 4.37
N MET A 202 9.51 -3.24 4.45
CA MET A 202 9.45 -4.63 4.00
C MET A 202 8.91 -5.61 5.03
N GLN A 203 9.39 -5.52 6.29
CA GLN A 203 8.99 -6.48 7.34
C GLN A 203 8.26 -5.87 8.52
N SER A 204 8.02 -4.56 8.49
CA SER A 204 7.38 -3.83 9.58
C SER A 204 8.16 -3.96 10.91
N LYS A 205 9.50 -4.04 10.79
CA LYS A 205 10.45 -4.14 11.90
C LYS A 205 11.06 -2.74 12.13
N PHE A 206 11.15 -2.32 13.40
CA PHE A 206 11.65 -1.02 13.85
C PHE A 206 12.77 -1.13 14.86
N TYR A 207 13.97 -0.69 14.45
CA TYR A 207 15.21 -0.65 15.24
C TYR A 207 15.51 0.81 15.64
N ILE A 208 16.45 1.01 16.57
CA ILE A 208 16.96 2.37 16.87
C ILE A 208 17.55 2.95 15.54
N ALA A 209 18.25 2.10 14.72
CA ALA A 209 18.80 2.53 13.42
C ALA A 209 17.72 2.95 12.44
N SER A 210 16.47 2.46 12.62
CA SER A 210 15.35 2.88 11.77
C SER A 210 15.00 4.36 12.07
N ASP A 211 15.15 4.80 13.33
CA ASP A 211 14.97 6.20 13.72
C ASP A 211 16.13 7.06 13.17
N VAL A 212 17.36 6.50 13.05
CA VAL A 212 18.51 7.23 12.45
C VAL A 212 18.17 7.51 10.97
N TRP A 213 17.58 6.51 10.26
CA TRP A 213 17.15 6.71 8.89
C TRP A 213 16.16 7.85 8.81
N SER A 214 15.09 7.81 9.63
CA SER A 214 14.07 8.86 9.73
C SER A 214 14.69 10.22 10.05
N PHE A 215 15.74 10.23 10.90
CA PHE A 215 16.44 11.47 11.22
C PHE A 215 17.08 12.08 9.98
N GLY A 216 17.72 11.25 9.18
CA GLY A 216 18.32 11.67 7.92
C GLY A 216 17.30 12.39 7.04
N VAL A 217 16.07 11.87 6.98
CA VAL A 217 15.01 12.47 6.15
C VAL A 217 14.55 13.79 6.80
N THR A 218 14.47 13.82 8.17
CA THR A 218 14.10 15.03 8.93
C THR A 218 15.15 16.12 8.71
N LEU A 219 16.43 15.72 8.70
CA LEU A 219 17.55 16.65 8.45
C LEU A 219 17.42 17.23 7.03
N HIS A 220 17.04 16.38 6.08
CA HIS A 220 16.80 16.84 4.71
C HIS A 220 15.70 17.91 4.73
N GLU A 221 14.57 17.68 5.46
CA GLU A 221 13.50 18.68 5.54
C GLU A 221 14.00 19.98 6.16
N LEU A 222 14.73 19.86 7.28
CA LEU A 222 15.28 21.01 8.02
C LEU A 222 16.12 21.89 7.07
N LEU A 223 16.99 21.24 6.28
CA LEU A 223 17.89 21.92 5.33
C LEU A 223 17.16 22.55 4.17
N THR A 224 15.97 22.04 3.83
CA THR A 224 15.15 22.60 2.77
C THR A 224 14.12 23.60 3.35
N TYR A 225 14.23 23.93 4.66
CA TYR A 225 13.30 24.84 5.37
C TYR A 225 11.86 24.37 5.27
N CYS A 226 11.67 23.02 5.22
CA CYS A 226 10.36 22.40 5.12
C CYS A 226 9.52 22.92 3.95
N ASP A 227 10.16 23.19 2.80
CA ASP A 227 9.44 23.66 1.60
C ASP A 227 8.60 22.48 1.10
N SER A 228 7.28 22.66 0.96
CA SER A 228 6.36 21.60 0.51
C SER A 228 6.74 20.98 -0.83
N ASP A 229 7.23 21.82 -1.78
CA ASP A 229 7.63 21.33 -3.11
C ASP A 229 8.87 20.44 -3.11
N SER A 230 9.72 20.54 -2.08
CA SER A 230 10.90 19.65 -1.99
C SER A 230 10.77 18.70 -0.79
N SER A 231 9.53 18.42 -0.36
CA SER A 231 9.29 17.50 0.74
C SER A 231 9.72 16.08 0.33
N PRO A 232 10.14 15.24 1.31
CA PRO A 232 10.53 13.87 0.96
C PRO A 232 9.45 13.11 0.19
N MET A 233 8.15 13.34 0.47
CA MET A 233 7.05 12.71 -0.27
C MET A 233 7.08 13.22 -1.73
N ALA A 234 7.05 14.54 -1.95
CA ALA A 234 7.10 15.18 -3.29
C ALA A 234 8.31 14.69 -4.08
N LEU A 235 9.49 14.61 -3.42
CA LEU A 235 10.71 14.15 -4.08
C LEU A 235 10.69 12.68 -4.43
N PHE A 236 10.25 11.82 -3.49
CA PHE A 236 10.20 10.38 -3.79
C PHE A 236 9.10 10.07 -4.83
N LEU A 237 7.96 10.80 -4.81
CA LEU A 237 6.90 10.62 -5.80
C LEU A 237 7.33 11.06 -7.21
N LYS A 238 8.29 12.01 -7.32
CA LYS A 238 8.85 12.43 -8.60
C LYS A 238 9.78 11.31 -9.08
N MET A 239 10.54 10.68 -8.16
CA MET A 239 11.46 9.58 -8.46
C MET A 239 10.74 8.30 -8.94
N ILE A 240 9.65 7.91 -8.25
CA ILE A 240 8.95 6.63 -8.49
C ILE A 240 7.64 6.76 -9.30
N GLY A 241 7.06 7.96 -9.36
CA GLY A 241 5.80 8.22 -10.03
C GLY A 241 4.68 8.41 -9.03
N PRO A 242 3.77 9.40 -9.22
CA PRO A 242 2.73 9.65 -8.20
C PRO A 242 1.39 8.94 -8.41
N THR A 243 1.22 8.14 -9.49
CA THR A 243 -0.06 7.50 -9.78
C THR A 243 0.00 5.95 -9.67
N HIS A 244 0.70 5.44 -8.64
CA HIS A 244 0.84 4.00 -8.44
C HIS A 244 -0.11 3.43 -7.37
N GLY A 245 -0.78 4.32 -6.61
CA GLY A 245 -1.74 3.95 -5.58
C GLY A 245 -1.22 2.93 -4.58
N GLN A 246 -1.88 1.75 -4.52
CA GLN A 246 -1.51 0.64 -3.63
C GLN A 246 -0.12 0.03 -3.92
N MET A 247 0.47 0.34 -5.10
CA MET A 247 1.79 -0.16 -5.50
C MET A 247 2.95 0.80 -5.10
N THR A 248 2.61 1.97 -4.54
CA THR A 248 3.59 3.01 -4.15
C THR A 248 4.72 2.46 -3.26
N VAL A 249 4.39 1.77 -2.15
CA VAL A 249 5.38 1.26 -1.20
C VAL A 249 6.33 0.24 -1.84
N THR A 250 5.85 -0.73 -2.68
CA THR A 250 6.80 -1.67 -3.32
C THR A 250 7.75 -0.93 -4.28
N ARG A 251 7.22 0.06 -5.01
CA ARG A 251 8.02 0.90 -5.93
C ARG A 251 9.07 1.69 -5.14
N LEU A 252 8.67 2.20 -3.95
CA LEU A 252 9.60 2.90 -3.04
C LEU A 252 10.72 1.93 -2.56
N VAL A 253 10.34 0.71 -2.09
CA VAL A 253 11.30 -0.31 -1.66
C VAL A 253 12.26 -0.65 -2.80
N ASN A 254 11.71 -0.79 -4.01
CA ASN A 254 12.52 -1.12 -5.18
C ASN A 254 13.56 -0.02 -5.45
N THR A 255 13.11 1.25 -5.41
CA THR A 255 13.96 2.43 -5.63
C THR A 255 15.09 2.47 -4.59
N LEU A 256 14.76 2.23 -3.29
CA LEU A 256 15.77 2.22 -2.21
C LEU A 256 16.75 1.08 -2.39
N LYS A 257 16.25 -0.12 -2.82
CA LYS A 257 17.09 -1.30 -3.08
C LYS A 257 18.12 -1.01 -4.16
N GLU A 258 17.72 -0.28 -5.22
CA GLU A 258 18.59 0.15 -6.33
C GLU A 258 19.72 1.12 -5.86
N GLY A 259 19.55 1.70 -4.67
CA GLY A 259 20.52 2.61 -4.07
C GLY A 259 20.19 4.09 -4.21
N LYS A 260 19.00 4.41 -4.74
CA LYS A 260 18.55 5.78 -4.90
C LYS A 260 18.12 6.39 -3.58
N ARG A 261 18.54 7.64 -3.37
CA ARG A 261 18.29 8.38 -2.13
C ARG A 261 17.85 9.78 -2.44
N LEU A 262 17.37 10.50 -1.43
CA LEU A 262 16.99 11.89 -1.60
C LEU A 262 18.25 12.68 -2.00
N PRO A 263 18.12 13.65 -2.93
CA PRO A 263 19.31 14.39 -3.39
C PRO A 263 19.78 15.40 -2.34
N CYS A 264 20.97 15.93 -2.54
CA CYS A 264 21.52 16.97 -1.68
C CYS A 264 20.61 18.20 -1.70
N PRO A 265 20.17 18.70 -0.52
CA PRO A 265 19.34 19.91 -0.51
C PRO A 265 20.09 21.09 -1.13
N PRO A 266 19.37 22.07 -1.72
CA PRO A 266 20.05 23.25 -2.26
C PRO A 266 20.85 23.96 -1.17
N ASN A 267 22.06 24.43 -1.51
CA ASN A 267 22.98 25.15 -0.61
C ASN A 267 23.51 24.32 0.57
N CYS A 268 23.25 23.01 0.58
CA CYS A 268 23.75 22.14 1.63
C CYS A 268 25.20 21.76 1.26
N PRO A 269 26.19 22.02 2.13
CA PRO A 269 27.57 21.60 1.79
C PRO A 269 27.68 20.08 1.78
N ASP A 270 28.60 19.56 0.96
CA ASP A 270 28.81 18.11 0.83
C ASP A 270 29.08 17.43 2.16
N GLU A 271 29.87 18.06 3.05
CA GLU A 271 30.19 17.54 4.39
C GLU A 271 28.93 17.21 5.20
N VAL A 272 27.88 18.07 5.11
CA VAL A 272 26.62 17.83 5.81
C VAL A 272 25.87 16.71 5.09
N TYR A 273 25.81 16.78 3.73
CA TYR A 273 25.15 15.74 2.93
C TYR A 273 25.73 14.37 3.19
N GLN A 274 27.06 14.27 3.41
CA GLN A 274 27.71 12.98 3.72
C GLN A 274 27.26 12.39 5.06
N LEU A 275 27.04 13.26 6.06
CA LEU A 275 26.51 12.82 7.37
C LEU A 275 25.07 12.27 7.23
N MET A 276 24.28 12.91 6.35
CA MET A 276 22.92 12.54 6.00
C MET A 276 22.90 11.18 5.30
N ARG A 277 23.82 10.95 4.34
CA ARG A 277 23.92 9.67 3.60
C ARG A 277 24.23 8.48 4.51
N LYS A 278 24.96 8.73 5.59
CA LYS A 278 25.32 7.72 6.60
C LYS A 278 24.09 7.22 7.38
N CYS A 279 22.99 7.99 7.43
CA CYS A 279 21.73 7.62 8.06
C CYS A 279 21.01 6.65 7.12
N TRP A 280 21.40 6.64 5.84
CA TRP A 280 20.66 5.95 4.78
C TRP A 280 21.33 4.71 4.17
N GLU A 281 22.20 4.05 4.95
CA GLU A 281 22.79 2.75 4.61
C GLU A 281 21.62 1.76 4.60
N PHE A 282 21.51 0.94 3.54
CA PHE A 282 20.40 0.00 3.39
C PHE A 282 20.21 -0.91 4.61
N GLN A 283 21.33 -1.47 5.12
CA GLN A 283 21.34 -2.37 6.28
C GLN A 283 21.37 -1.54 7.56
N PRO A 284 20.46 -1.80 8.53
CA PRO A 284 20.49 -1.02 9.79
C PRO A 284 21.83 -1.00 10.49
N SER A 285 22.55 -2.13 10.51
CA SER A 285 23.86 -2.29 11.17
C SER A 285 24.98 -1.38 10.62
N ASN A 286 24.87 -0.95 9.35
CA ASN A 286 25.87 -0.08 8.70
C ASN A 286 25.61 1.43 8.93
N ARG A 287 24.42 1.79 9.41
CA ARG A 287 24.05 3.18 9.63
C ARG A 287 24.84 3.82 10.77
N THR A 288 25.00 5.16 10.73
CA THR A 288 25.64 5.91 11.80
C THR A 288 24.71 5.85 13.05
N SER A 289 25.23 6.24 14.20
CA SER A 289 24.47 6.32 15.43
C SER A 289 24.14 7.79 15.67
N PHE A 290 23.25 8.09 16.63
CA PHE A 290 22.96 9.47 16.99
C PHE A 290 24.19 10.12 17.63
N GLN A 291 24.95 9.34 18.44
CA GLN A 291 26.16 9.90 19.05
C GLN A 291 27.19 10.35 18.01
N ASN A 292 27.38 9.57 16.93
CA ASN A 292 28.32 9.92 15.87
C ASN A 292 27.85 11.08 15.02
N LEU A 293 26.51 11.23 14.88
CA LEU A 293 25.96 12.37 14.17
C LEU A 293 26.27 13.63 14.95
N ILE A 294 26.07 13.61 16.28
CA ILE A 294 26.33 14.74 17.19
C ILE A 294 27.79 15.17 17.05
N GLU A 295 28.71 14.20 17.07
CA GLU A 295 30.14 14.44 16.87
C GLU A 295 30.41 15.13 15.53
N GLY A 296 29.82 14.60 14.45
CA GLY A 296 29.95 15.14 13.10
C GLY A 296 29.47 16.57 12.99
N PHE A 297 28.25 16.85 13.49
CA PHE A 297 27.73 18.21 13.43
C PHE A 297 28.55 19.18 14.29
N GLU A 298 28.92 18.78 15.52
CA GLU A 298 29.72 19.64 16.42
C GLU A 298 31.06 20.03 15.76
N ALA A 299 31.71 19.08 15.04
CA ALA A 299 32.96 19.29 14.29
C ALA A 299 32.78 20.35 13.21
N LEU A 300 31.60 20.37 12.57
CA LEU A 300 31.28 21.35 11.55
C LEU A 300 30.92 22.70 12.17
N LEU A 301 30.44 22.71 13.43
CA LEU A 301 30.07 23.94 14.12
C LEU A 301 31.28 24.71 14.70
N LYS A 302 32.37 24.00 15.04
CA LYS A 302 33.58 24.61 15.59
C LYS A 302 34.83 23.92 15.06
N VAL B 13 -19.71 -4.75 -48.60
CA VAL B 13 -20.04 -4.52 -47.20
C VAL B 13 -19.15 -5.39 -46.28
N ASP B 14 -18.51 -4.74 -45.28
CA ASP B 14 -17.60 -5.40 -44.33
C ASP B 14 -18.41 -6.07 -43.20
N PRO B 15 -18.35 -7.44 -43.07
CA PRO B 15 -19.12 -8.11 -42.00
C PRO B 15 -18.65 -7.80 -40.57
N THR B 16 -17.44 -7.20 -40.44
CA THR B 16 -16.85 -6.86 -39.14
C THR B 16 -17.11 -5.39 -38.79
N HIS B 17 -17.90 -4.64 -39.61
CA HIS B 17 -18.18 -3.24 -39.33
C HIS B 17 -19.61 -3.15 -38.79
N PHE B 18 -19.77 -2.73 -37.55
CA PHE B 18 -21.05 -2.67 -36.88
C PHE B 18 -21.44 -1.19 -36.85
N GLU B 19 -22.59 -0.84 -37.44
CA GLU B 19 -23.05 0.55 -37.48
C GLU B 19 -23.61 0.93 -36.12
N LYS B 20 -23.16 2.08 -35.57
CA LYS B 20 -23.61 2.58 -34.26
C LYS B 20 -25.14 2.63 -34.11
N ARG B 21 -25.85 3.08 -35.17
CA ARG B 21 -27.32 3.24 -35.17
C ARG B 21 -28.09 1.94 -34.96
N PHE B 22 -27.46 0.77 -35.24
CA PHE B 22 -28.13 -0.52 -35.06
C PHE B 22 -27.70 -1.29 -33.80
N LEU B 23 -26.73 -0.73 -33.07
CA LEU B 23 -26.13 -1.37 -31.87
C LEU B 23 -26.84 -0.87 -30.63
N LYS B 24 -27.81 -1.65 -30.14
CA LYS B 24 -28.65 -1.24 -29.02
C LYS B 24 -28.22 -1.84 -27.70
N ARG B 25 -27.87 -0.99 -26.72
CA ARG B 25 -27.44 -1.43 -25.39
C ARG B 25 -28.56 -2.11 -24.61
N ILE B 26 -28.27 -3.29 -24.02
CA ILE B 26 -29.21 -4.01 -23.17
C ILE B 26 -28.83 -3.82 -21.70
N ARG B 27 -27.61 -4.29 -21.29
CA ARG B 27 -27.20 -4.21 -19.91
C ARG B 27 -25.68 -4.32 -19.78
N ASP B 28 -25.15 -3.92 -18.63
CA ASP B 28 -23.73 -4.01 -18.37
C ASP B 28 -23.37 -5.44 -18.03
N LEU B 29 -22.18 -5.87 -18.47
CA LEU B 29 -21.68 -7.22 -18.17
C LEU B 29 -20.51 -7.13 -17.21
N GLY B 30 -19.68 -6.11 -17.39
CA GLY B 30 -18.54 -5.91 -16.51
C GLY B 30 -17.79 -4.65 -16.84
N GLU B 31 -16.74 -4.41 -16.03
CA GLU B 31 -15.85 -3.25 -16.10
C GLU B 31 -14.41 -3.69 -15.80
N GLY B 32 -13.45 -2.92 -16.28
CA GLY B 32 -12.06 -3.23 -16.01
C GLY B 32 -11.08 -2.35 -16.75
N HIS B 33 -10.24 -1.63 -15.99
CA HIS B 33 -9.18 -0.76 -16.48
C HIS B 33 -9.61 0.17 -17.63
N PHE B 34 -10.40 1.18 -17.27
CA PHE B 34 -10.91 2.27 -18.14
C PHE B 34 -11.88 1.79 -19.26
N GLY B 35 -12.19 0.49 -19.27
CA GLY B 35 -13.11 -0.12 -20.20
C GLY B 35 -14.35 -0.69 -19.53
N LYS B 36 -15.45 -0.77 -20.29
CA LYS B 36 -16.69 -1.38 -19.81
C LYS B 36 -17.24 -2.29 -20.90
N VAL B 37 -17.86 -3.38 -20.49
CA VAL B 37 -18.39 -4.36 -21.40
C VAL B 37 -19.87 -4.40 -21.20
N GLU B 38 -20.62 -4.31 -22.31
CA GLU B 38 -22.08 -4.33 -22.27
C GLU B 38 -22.62 -5.36 -23.23
N LEU B 39 -23.78 -5.95 -22.87
CA LEU B 39 -24.51 -6.81 -23.77
C LEU B 39 -25.32 -5.83 -24.67
N CYS B 40 -25.25 -6.00 -26.00
CA CYS B 40 -26.01 -5.22 -26.97
C CYS B 40 -26.68 -6.17 -27.92
N ARG B 41 -27.71 -5.69 -28.61
CA ARG B 41 -28.31 -6.46 -29.68
C ARG B 41 -27.96 -5.68 -30.95
N TYR B 42 -27.38 -6.34 -31.97
CA TYR B 42 -27.11 -5.61 -33.21
C TYR B 42 -28.35 -5.89 -34.04
N ASP B 43 -29.20 -4.88 -34.21
CA ASP B 43 -30.49 -5.08 -34.82
C ASP B 43 -30.73 -4.23 -36.09
N PRO B 44 -30.02 -4.48 -37.22
CA PRO B 44 -30.26 -3.67 -38.44
C PRO B 44 -31.66 -3.72 -39.01
N GLU B 45 -32.45 -4.78 -38.72
CA GLU B 45 -33.83 -4.86 -39.21
C GLU B 45 -34.85 -4.20 -38.26
N GLY B 46 -34.39 -3.80 -37.06
CA GLY B 46 -35.18 -3.09 -36.06
C GLY B 46 -36.43 -3.78 -35.54
N ASP B 47 -36.42 -5.11 -35.41
CA ASP B 47 -37.55 -5.90 -34.91
C ASP B 47 -37.17 -6.85 -33.76
N ASN B 48 -35.98 -6.60 -33.14
CA ASN B 48 -35.42 -7.34 -32.01
C ASN B 48 -35.07 -8.78 -32.37
N THR B 49 -34.74 -9.03 -33.65
CA THR B 49 -34.35 -10.38 -34.06
C THR B 49 -32.85 -10.51 -34.20
N GLY B 50 -32.15 -9.39 -34.14
CA GLY B 50 -30.70 -9.35 -34.33
C GLY B 50 -29.91 -10.12 -33.29
N GLU B 51 -28.64 -10.39 -33.61
CA GLU B 51 -27.76 -11.15 -32.73
C GLU B 51 -27.34 -10.35 -31.50
N GLN B 52 -27.23 -11.03 -30.36
CA GLN B 52 -26.73 -10.41 -29.13
C GLN B 52 -25.20 -10.46 -29.27
N VAL B 53 -24.52 -9.38 -28.86
CA VAL B 53 -23.07 -9.27 -28.93
C VAL B 53 -22.55 -8.62 -27.63
N ALA B 54 -21.28 -8.90 -27.28
CA ALA B 54 -20.66 -8.24 -26.11
C ALA B 54 -19.86 -7.09 -26.71
N VAL B 55 -19.99 -5.90 -26.12
CA VAL B 55 -19.35 -4.69 -26.65
C VAL B 55 -18.46 -4.06 -25.62
N LYS B 56 -17.16 -3.92 -25.93
CA LYS B 56 -16.25 -3.25 -25.01
C LYS B 56 -16.03 -1.83 -25.50
N SER B 57 -16.16 -0.87 -24.59
CA SER B 57 -15.91 0.53 -24.97
C SER B 57 -15.18 1.23 -23.83
N LEU B 58 -14.72 2.45 -24.05
CA LEU B 58 -14.05 3.22 -23.00
C LEU B 58 -15.09 3.81 -22.07
N LYS B 59 -14.75 3.89 -20.77
CA LYS B 59 -15.59 4.56 -19.78
C LYS B 59 -15.32 6.07 -19.96
N PRO B 60 -16.36 6.93 -20.17
CA PRO B 60 -16.09 8.37 -20.37
C PRO B 60 -15.49 9.07 -19.15
N ASN B 65 -5.76 8.97 -23.33
CA ASN B 65 -4.65 8.03 -23.31
C ASN B 65 -5.14 6.57 -23.36
N HIS B 66 -6.40 6.32 -22.98
CA HIS B 66 -6.90 4.96 -22.94
C HIS B 66 -7.47 4.48 -24.29
N ILE B 67 -7.71 5.40 -25.27
CA ILE B 67 -8.17 5.00 -26.61
C ILE B 67 -7.11 4.12 -27.24
N ALA B 68 -5.81 4.48 -27.04
CA ALA B 68 -4.68 3.75 -27.60
C ALA B 68 -4.67 2.33 -27.02
N ASP B 69 -4.91 2.17 -25.71
CA ASP B 69 -4.95 0.85 -25.03
C ASP B 69 -6.09 -0.02 -25.61
N LEU B 70 -7.26 0.56 -25.84
CA LEU B 70 -8.38 -0.17 -26.40
C LEU B 70 -8.07 -0.63 -27.84
N LYS B 71 -7.49 0.27 -28.66
CA LYS B 71 -7.13 -0.04 -30.05
C LYS B 71 -6.13 -1.16 -30.10
N LYS B 72 -5.15 -1.17 -29.16
CA LYS B 72 -4.13 -2.22 -29.05
C LYS B 72 -4.81 -3.56 -28.68
N GLU B 73 -5.78 -3.53 -27.76
CA GLU B 73 -6.51 -4.75 -27.37
C GLU B 73 -7.29 -5.29 -28.57
N ILE B 74 -7.98 -4.41 -29.33
CA ILE B 74 -8.74 -4.79 -30.53
C ILE B 74 -7.81 -5.48 -31.51
N GLU B 75 -6.65 -4.88 -31.77
CA GLU B 75 -5.75 -5.47 -32.73
C GLU B 75 -5.22 -6.81 -32.29
N ILE B 76 -5.02 -7.01 -30.97
CA ILE B 76 -4.57 -8.31 -30.47
C ILE B 76 -5.67 -9.36 -30.68
N LEU B 77 -6.89 -9.08 -30.17
CA LEU B 77 -7.99 -10.04 -30.25
C LEU B 77 -8.37 -10.37 -31.68
N ARG B 78 -8.39 -9.37 -32.59
CA ARG B 78 -8.72 -9.56 -34.01
C ARG B 78 -7.88 -10.67 -34.65
N ASN B 79 -6.63 -10.81 -34.19
CA ASN B 79 -5.68 -11.76 -34.74
C ASN B 79 -5.47 -13.03 -33.93
N LEU B 80 -6.30 -13.26 -32.88
CA LEU B 80 -6.19 -14.50 -32.11
C LEU B 80 -7.31 -15.39 -32.58
N TYR B 81 -6.97 -16.64 -32.91
CA TYR B 81 -7.94 -17.62 -33.39
C TYR B 81 -7.67 -18.93 -32.66
N HIS B 82 -8.49 -19.22 -31.66
CA HIS B 82 -8.32 -20.46 -30.87
C HIS B 82 -9.64 -20.80 -30.25
N GLU B 83 -9.94 -22.10 -30.15
CA GLU B 83 -11.16 -22.63 -29.58
C GLU B 83 -11.44 -22.09 -28.18
N ASN B 84 -10.38 -21.80 -27.40
CA ASN B 84 -10.52 -21.32 -26.03
C ASN B 84 -10.20 -19.85 -25.84
N ILE B 85 -10.43 -19.08 -26.91
CA ILE B 85 -10.29 -17.63 -26.86
C ILE B 85 -11.59 -17.07 -27.46
N VAL B 86 -12.22 -16.14 -26.75
CA VAL B 86 -13.46 -15.50 -27.20
C VAL B 86 -13.28 -14.96 -28.61
N LYS B 87 -14.35 -15.09 -29.42
CA LYS B 87 -14.31 -14.65 -30.80
C LYS B 87 -14.53 -13.17 -30.97
N TYR B 88 -13.60 -12.53 -31.67
CA TYR B 88 -13.69 -11.17 -32.16
C TYR B 88 -14.77 -11.20 -33.24
N LYS B 89 -15.69 -10.21 -33.24
CA LYS B 89 -16.72 -10.11 -34.28
C LYS B 89 -16.49 -8.88 -35.13
N GLY B 90 -16.02 -7.81 -34.53
CA GLY B 90 -15.76 -6.59 -35.28
C GLY B 90 -15.60 -5.34 -34.45
N ILE B 91 -15.85 -4.21 -35.11
CA ILE B 91 -15.73 -2.93 -34.45
C ILE B 91 -16.88 -2.03 -34.83
N CYS B 92 -17.10 -1.04 -33.99
CA CYS B 92 -18.03 0.04 -34.23
C CYS B 92 -17.21 1.33 -34.06
N THR B 93 -17.02 2.10 -35.14
CA THR B 93 -16.21 3.33 -35.12
C THR B 93 -17.12 4.55 -35.19
N ASN B 98 -12.74 9.51 -33.72
CA ASN B 98 -11.60 8.81 -33.11
C ASN B 98 -12.02 7.65 -32.20
N GLY B 99 -13.29 7.65 -31.76
CA GLY B 99 -13.86 6.62 -30.89
C GLY B 99 -13.99 5.26 -31.55
N ILE B 100 -14.00 4.19 -30.73
CA ILE B 100 -14.09 2.82 -31.23
C ILE B 100 -14.70 1.90 -30.16
N LYS B 101 -15.41 0.86 -30.60
CA LYS B 101 -15.98 -0.15 -29.70
C LYS B 101 -15.57 -1.50 -30.21
N LEU B 102 -15.21 -2.42 -29.32
CA LEU B 102 -14.83 -3.78 -29.72
C LEU B 102 -16.06 -4.68 -29.60
N ILE B 103 -16.41 -5.39 -30.66
CA ILE B 103 -17.57 -6.28 -30.71
C ILE B 103 -17.07 -7.70 -30.64
N MET B 104 -17.62 -8.46 -29.70
CA MET B 104 -17.25 -9.86 -29.48
C MET B 104 -18.47 -10.74 -29.40
N GLU B 105 -18.29 -12.05 -29.55
CA GLU B 105 -19.44 -12.96 -29.37
C GLU B 105 -19.92 -12.85 -27.91
N PHE B 106 -21.22 -13.08 -27.70
CA PHE B 106 -21.80 -13.00 -26.36
C PHE B 106 -21.98 -14.41 -25.83
N LEU B 107 -21.42 -14.67 -24.64
CA LEU B 107 -21.55 -16.02 -24.02
C LEU B 107 -22.46 -15.84 -22.81
N PRO B 108 -23.76 -16.24 -22.95
CA PRO B 108 -24.77 -15.97 -21.90
C PRO B 108 -24.51 -16.54 -20.53
N SER B 109 -23.72 -17.62 -20.42
CA SER B 109 -23.38 -18.24 -19.15
C SER B 109 -22.47 -17.41 -18.29
N GLY B 110 -21.82 -16.37 -18.86
CA GLY B 110 -20.95 -15.51 -18.09
C GLY B 110 -19.61 -16.14 -17.81
N SER B 111 -18.93 -15.62 -16.80
CA SER B 111 -17.64 -16.14 -16.41
C SER B 111 -17.79 -17.31 -15.47
N LEU B 112 -16.66 -17.95 -15.14
CA LEU B 112 -16.62 -19.00 -14.11
C LEU B 112 -17.15 -18.43 -12.78
N LYS B 113 -16.93 -17.12 -12.51
CA LYS B 113 -17.47 -16.50 -11.29
C LYS B 113 -18.97 -16.61 -11.16
N GLU B 114 -19.71 -16.45 -12.26
CA GLU B 114 -21.17 -16.54 -12.20
C GLU B 114 -21.60 -18.00 -12.35
N TYR B 115 -20.95 -18.71 -13.26
CA TYR B 115 -21.37 -20.04 -13.63
C TYR B 115 -21.10 -21.11 -12.58
N LEU B 116 -19.87 -21.18 -12.05
CA LEU B 116 -19.53 -22.24 -11.11
C LEU B 116 -20.42 -22.29 -9.84
N PRO B 117 -20.76 -21.18 -9.15
CA PRO B 117 -21.63 -21.31 -7.96
C PRO B 117 -23.01 -21.87 -8.22
N LYS B 118 -23.51 -21.70 -9.45
CA LYS B 118 -24.82 -22.14 -9.89
C LYS B 118 -24.87 -23.52 -10.52
N ASN B 119 -23.71 -24.13 -10.82
CA ASN B 119 -23.68 -25.39 -11.54
C ASN B 119 -22.77 -26.45 -10.92
N LYS B 120 -22.52 -26.37 -9.62
CA LYS B 120 -21.69 -27.34 -8.88
C LYS B 120 -22.14 -28.76 -9.13
N ASN B 121 -23.47 -28.98 -9.19
CA ASN B 121 -24.03 -30.33 -9.39
C ASN B 121 -23.62 -30.96 -10.72
N LYS B 122 -23.51 -30.13 -11.78
CA LYS B 122 -23.18 -30.54 -13.16
C LYS B 122 -21.67 -30.60 -13.38
N ILE B 123 -20.88 -29.85 -12.60
CA ILE B 123 -19.43 -29.70 -12.81
C ILE B 123 -18.64 -30.43 -11.75
N ASN B 124 -18.17 -31.63 -12.06
CA ASN B 124 -17.37 -32.45 -11.14
C ASN B 124 -15.87 -32.23 -11.36
N LEU B 125 -15.01 -32.93 -10.58
CA LEU B 125 -13.56 -32.78 -10.71
C LEU B 125 -13.08 -33.02 -12.15
N LYS B 126 -13.59 -34.06 -12.81
CA LYS B 126 -13.23 -34.36 -14.20
C LYS B 126 -13.52 -33.15 -15.12
N GLN B 127 -14.69 -32.53 -14.95
CA GLN B 127 -15.02 -31.34 -15.75
C GLN B 127 -14.15 -30.15 -15.39
N GLN B 128 -13.81 -29.98 -14.11
CA GLN B 128 -12.94 -28.87 -13.69
C GLN B 128 -11.56 -29.06 -14.32
N LEU B 129 -11.04 -30.31 -14.34
CA LEU B 129 -9.74 -30.55 -14.97
C LEU B 129 -9.76 -30.34 -16.49
N LYS B 130 -10.90 -30.63 -17.14
CA LYS B 130 -11.05 -30.36 -18.58
C LYS B 130 -11.07 -28.84 -18.82
N TYR B 131 -11.76 -28.06 -17.94
CA TYR B 131 -11.71 -26.59 -18.05
C TYR B 131 -10.25 -26.10 -17.83
N ALA B 132 -9.53 -26.68 -16.87
CA ALA B 132 -8.13 -26.27 -16.59
C ALA B 132 -7.25 -26.50 -17.82
N VAL B 133 -7.40 -27.67 -18.49
CA VAL B 133 -6.68 -27.96 -19.75
C VAL B 133 -7.00 -26.88 -20.83
N GLN B 134 -8.28 -26.56 -21.01
CA GLN B 134 -8.70 -25.57 -21.99
C GLN B 134 -8.13 -24.18 -21.70
N ILE B 135 -8.13 -23.75 -20.43
CA ILE B 135 -7.51 -22.46 -20.07
C ILE B 135 -6.00 -22.51 -20.43
N CYS B 136 -5.33 -23.59 -20.08
CA CYS B 136 -3.88 -23.76 -20.41
C CYS B 136 -3.61 -23.72 -21.91
N LYS B 137 -4.47 -24.33 -22.72
CA LYS B 137 -4.34 -24.35 -24.19
C LYS B 137 -4.50 -22.94 -24.75
N GLY B 138 -5.50 -22.19 -24.26
CA GLY B 138 -5.69 -20.81 -24.68
C GLY B 138 -4.50 -19.94 -24.30
N MET B 139 -3.99 -20.12 -23.09
CA MET B 139 -2.86 -19.37 -22.56
C MET B 139 -1.56 -19.73 -23.25
N ASP B 140 -1.36 -21.01 -23.58
CA ASP B 140 -0.17 -21.45 -24.31
C ASP B 140 -0.18 -20.87 -25.72
N TYR B 141 -1.38 -20.79 -26.33
CA TYR B 141 -1.56 -20.18 -27.65
C TYR B 141 -1.15 -18.68 -27.58
N LEU B 142 -1.63 -17.97 -26.56
CA LEU B 142 -1.29 -16.55 -26.33
C LEU B 142 0.22 -16.34 -26.15
N GLY B 143 0.83 -17.20 -25.34
CA GLY B 143 2.27 -17.17 -25.06
C GLY B 143 3.11 -17.39 -26.31
N SER B 144 2.64 -18.25 -27.21
CA SER B 144 3.31 -18.54 -28.48
C SER B 144 3.24 -17.38 -29.48
N ARG B 145 2.33 -16.40 -29.26
CA ARG B 145 2.20 -15.21 -30.12
C ARG B 145 2.93 -14.06 -29.40
N GLN B 146 3.72 -14.42 -28.36
CA GLN B 146 4.59 -13.56 -27.53
C GLN B 146 3.83 -12.51 -26.75
N TYR B 147 2.70 -12.92 -26.16
CA TYR B 147 1.89 -12.06 -25.32
C TYR B 147 1.86 -12.54 -23.89
N VAL B 148 1.79 -11.59 -22.96
CA VAL B 148 1.56 -11.83 -21.53
C VAL B 148 0.17 -11.30 -21.26
N HIS B 149 -0.69 -12.12 -20.65
CA HIS B 149 -2.09 -11.74 -20.38
C HIS B 149 -2.21 -10.72 -19.24
N ARG B 150 -1.53 -10.99 -18.10
CA ARG B 150 -1.46 -10.12 -16.91
C ARG B 150 -2.77 -9.98 -16.14
N ASP B 151 -3.83 -10.66 -16.55
CA ASP B 151 -5.07 -10.52 -15.81
C ASP B 151 -5.82 -11.86 -15.79
N LEU B 152 -5.07 -12.98 -15.70
CA LEU B 152 -5.72 -14.29 -15.72
C LEU B 152 -6.34 -14.60 -14.36
N ALA B 153 -7.67 -14.61 -14.33
CA ALA B 153 -8.49 -14.83 -13.15
C ALA B 153 -9.77 -15.46 -13.63
N ALA B 154 -10.51 -16.16 -12.73
CA ALA B 154 -11.78 -16.81 -13.10
C ALA B 154 -12.80 -15.84 -13.67
N ARG B 155 -12.78 -14.58 -13.25
CA ARG B 155 -13.71 -13.54 -13.79
C ARG B 155 -13.50 -13.26 -15.29
N ASN B 156 -12.30 -13.64 -15.82
CA ASN B 156 -11.95 -13.45 -17.23
C ASN B 156 -12.02 -14.72 -18.04
N VAL B 157 -12.61 -15.79 -17.45
CA VAL B 157 -12.77 -17.06 -18.15
C VAL B 157 -14.27 -17.25 -18.36
N LEU B 158 -14.70 -17.23 -19.61
CA LEU B 158 -16.11 -17.35 -19.99
C LEU B 158 -16.53 -18.79 -20.23
N VAL B 159 -17.80 -19.08 -19.95
CA VAL B 159 -18.32 -20.39 -20.14
C VAL B 159 -19.11 -20.42 -21.41
N GLU B 160 -18.62 -21.16 -22.40
CA GLU B 160 -19.30 -21.33 -23.69
C GLU B 160 -20.43 -22.38 -23.54
N SER B 161 -20.15 -23.42 -22.78
CA SER B 161 -21.06 -24.53 -22.48
C SER B 161 -20.52 -25.28 -21.27
N GLU B 162 -21.25 -26.29 -20.81
CA GLU B 162 -20.83 -27.16 -19.72
C GLU B 162 -19.49 -27.82 -20.11
N HIS B 163 -19.20 -27.92 -21.43
CA HIS B 163 -17.99 -28.61 -21.91
C HIS B 163 -16.87 -27.70 -22.38
N GLN B 164 -17.11 -26.37 -22.39
CA GLN B 164 -16.08 -25.49 -23.00
C GLN B 164 -16.00 -24.11 -22.37
N VAL B 165 -14.75 -23.68 -22.09
CA VAL B 165 -14.48 -22.34 -21.58
C VAL B 165 -13.63 -21.58 -22.61
N LYS B 166 -13.63 -20.24 -22.53
CA LYS B 166 -12.83 -19.38 -23.40
C LYS B 166 -12.29 -18.25 -22.54
N ILE B 167 -11.04 -17.84 -22.76
CA ILE B 167 -10.50 -16.64 -22.11
C ILE B 167 -11.24 -15.49 -22.79
N GLY B 168 -11.91 -14.63 -21.99
CA GLY B 168 -12.80 -13.61 -22.55
C GLY B 168 -12.45 -12.15 -22.44
N ASP B 169 -11.25 -11.82 -21.89
CA ASP B 169 -10.88 -10.40 -21.77
C ASP B 169 -9.41 -10.28 -21.96
N PHE B 170 -8.97 -9.25 -22.67
CA PHE B 170 -7.54 -9.08 -22.98
C PHE B 170 -7.09 -7.63 -22.71
N GLY B 171 -7.77 -6.99 -21.79
CA GLY B 171 -7.56 -5.58 -21.42
C GLY B 171 -6.17 -5.19 -20.94
N LEU B 172 -5.43 -6.12 -20.34
CA LEU B 172 -4.07 -5.83 -19.85
C LEU B 172 -3.00 -6.52 -20.69
N THR B 173 -3.39 -7.24 -21.77
CA THR B 173 -2.50 -8.04 -22.59
C THR B 173 -1.42 -7.18 -23.26
N LYS B 174 -0.16 -7.58 -23.07
CA LYS B 174 1.00 -6.87 -23.62
C LYS B 174 1.88 -7.80 -24.40
N ALA B 175 2.55 -7.26 -25.44
CA ALA B 175 3.50 -8.03 -26.25
C ALA B 175 4.85 -8.00 -25.52
N ILE B 176 5.57 -9.14 -25.52
CA ILE B 176 6.93 -9.28 -24.98
C ILE B 176 7.83 -8.96 -26.18
N GLU B 177 8.86 -8.15 -25.97
CA GLU B 177 9.79 -7.84 -27.06
C GLU B 177 10.58 -9.12 -27.45
N THR B 178 10.84 -9.32 -28.78
CA THR B 178 11.64 -10.46 -29.27
C THR B 178 13.00 -10.41 -28.56
N ASP B 179 13.54 -11.58 -28.17
CA ASP B 179 14.78 -11.82 -27.42
C ASP B 179 14.77 -11.14 -26.00
N LYS B 180 13.56 -10.83 -25.49
CA LYS B 180 13.33 -10.32 -24.14
C LYS B 180 12.41 -11.34 -23.44
N GLU B 181 12.47 -11.41 -22.10
CA GLU B 181 11.67 -12.39 -21.38
C GLU B 181 10.50 -11.80 -20.62
N PTR B 182 10.46 -10.46 -20.50
CA PTR B 182 9.41 -9.82 -19.75
C PTR B 182 9.02 -8.47 -20.28
O PTR B 182 9.75 -7.85 -21.07
CB PTR B 182 9.81 -9.71 -18.22
CG PTR B 182 11.05 -8.86 -17.98
CD1 PTR B 182 12.33 -9.48 -18.01
CD2 PTR B 182 10.89 -7.47 -17.74
CE1 PTR B 182 13.47 -8.67 -17.81
CE2 PTR B 182 12.01 -6.67 -17.54
CZ PTR B 182 13.32 -7.25 -17.58
OH PTR B 182 14.31 -6.33 -17.35
P PTR B 182 15.80 -6.67 -17.54
O1P PTR B 182 16.45 -5.29 -17.34
O2P PTR B 182 16.15 -7.21 -18.94
O3P PTR B 182 16.27 -7.64 -16.42
N PTR B 183 7.87 -7.98 -19.79
CA PTR B 183 7.35 -6.68 -20.10
C PTR B 183 7.34 -5.89 -18.79
O PTR B 183 6.83 -6.40 -17.77
CB PTR B 183 5.89 -6.82 -20.68
CG PTR B 183 5.26 -5.47 -20.86
CD1 PTR B 183 4.40 -4.94 -19.84
CD2 PTR B 183 5.55 -4.74 -22.03
CE1 PTR B 183 3.84 -3.63 -20.00
CE2 PTR B 183 4.99 -3.46 -22.19
CZ PTR B 183 4.13 -2.88 -21.18
OH PTR B 183 3.50 -1.62 -21.26
P PTR B 183 3.78 -0.66 -22.51
O1P PTR B 183 2.96 0.61 -22.28
O2P PTR B 183 5.26 -0.30 -22.66
O3P PTR B 183 3.39 -1.33 -23.86
N THR B 184 7.89 -4.65 -18.80
CA THR B 184 7.89 -3.78 -17.64
C THR B 184 6.63 -2.93 -17.67
N VAL B 185 5.77 -3.02 -16.65
CA VAL B 185 4.57 -2.19 -16.66
C VAL B 185 4.78 -0.91 -15.84
N LYS B 186 4.09 0.16 -16.23
CA LYS B 186 4.13 1.48 -15.61
C LYS B 186 2.80 1.76 -14.89
N ASP B 187 1.66 1.50 -15.55
CA ASP B 187 0.36 1.70 -14.95
C ASP B 187 0.01 0.41 -14.20
N ASP B 188 0.06 0.48 -12.85
CA ASP B 188 -0.19 -0.68 -11.99
C ASP B 188 -1.15 -0.39 -10.81
N ARG B 189 -1.72 0.81 -10.77
CA ARG B 189 -2.65 1.29 -9.74
C ARG B 189 -3.81 0.31 -9.41
N ASP B 190 -4.37 -0.37 -10.43
CA ASP B 190 -5.49 -1.30 -10.24
C ASP B 190 -5.09 -2.75 -10.57
N SER B 191 -3.87 -3.15 -10.19
CA SER B 191 -3.35 -4.50 -10.39
C SER B 191 -4.13 -5.54 -9.54
N PRO B 192 -4.46 -6.74 -10.11
CA PRO B 192 -5.07 -7.81 -9.29
C PRO B 192 -3.97 -8.50 -8.46
N VAL B 193 -3.47 -7.79 -7.43
CA VAL B 193 -2.31 -8.21 -6.64
C VAL B 193 -2.40 -9.66 -6.06
N PHE B 194 -3.59 -10.14 -5.68
CA PHE B 194 -3.71 -11.50 -5.11
C PHE B 194 -3.61 -12.64 -6.16
N TRP B 195 -3.43 -12.25 -7.45
CA TRP B 195 -3.24 -13.21 -8.55
C TRP B 195 -1.85 -13.07 -9.11
N TYR B 196 -1.05 -12.17 -8.52
CA TYR B 196 0.25 -11.81 -9.06
C TYR B 196 1.43 -12.46 -8.42
N ALA B 197 2.36 -12.88 -9.28
CA ALA B 197 3.64 -13.46 -8.93
C ALA B 197 4.55 -12.42 -8.20
N PRO B 198 5.50 -12.87 -7.36
CA PRO B 198 6.33 -11.91 -6.60
C PRO B 198 7.08 -10.87 -7.42
N GLU B 199 7.66 -11.25 -8.58
CA GLU B 199 8.36 -10.35 -9.49
C GLU B 199 7.47 -9.23 -10.06
N CYS B 200 6.13 -9.48 -10.18
CA CYS B 200 5.15 -8.48 -10.64
C CYS B 200 4.90 -7.52 -9.50
N LEU B 201 4.84 -8.04 -8.27
CA LEU B 201 4.55 -7.20 -7.11
C LEU B 201 5.78 -6.35 -6.71
N MET B 202 6.98 -6.94 -6.80
CA MET B 202 8.25 -6.33 -6.38
C MET B 202 8.85 -5.38 -7.40
N GLN B 203 9.02 -5.85 -8.67
CA GLN B 203 9.68 -5.09 -9.74
C GLN B 203 8.79 -4.68 -10.91
N SER B 204 7.46 -4.89 -10.83
CA SER B 204 6.50 -4.58 -11.91
C SER B 204 6.95 -5.20 -13.27
N LYS B 205 7.64 -6.37 -13.21
CA LYS B 205 8.09 -7.13 -14.38
C LYS B 205 7.09 -8.28 -14.64
N PHE B 206 6.74 -8.52 -15.93
N PHE B 206 6.72 -8.50 -15.91
CA PHE B 206 5.78 -9.54 -16.37
CA PHE B 206 5.77 -9.56 -16.26
C PHE B 206 6.32 -10.53 -17.37
C PHE B 206 6.30 -10.51 -17.31
N TYR B 207 6.47 -11.79 -16.94
CA TYR B 207 6.94 -12.89 -17.77
C TYR B 207 5.79 -13.83 -18.15
N ILE B 208 6.01 -14.73 -19.13
CA ILE B 208 5.02 -15.79 -19.43
C ILE B 208 4.82 -16.62 -18.12
N ALA B 209 5.92 -16.81 -17.34
CA ALA B 209 5.88 -17.53 -16.06
C ALA B 209 5.00 -16.84 -15.04
N SER B 210 4.84 -15.50 -15.17
CA SER B 210 3.99 -14.74 -14.27
C SER B 210 2.50 -15.12 -14.53
N ASP B 211 2.15 -15.42 -15.79
CA ASP B 211 0.80 -15.88 -16.19
C ASP B 211 0.57 -17.32 -15.65
N VAL B 212 1.64 -18.16 -15.58
CA VAL B 212 1.53 -19.50 -14.99
C VAL B 212 1.16 -19.36 -13.49
N TRP B 213 1.80 -18.42 -12.74
CA TRP B 213 1.44 -18.16 -11.33
C TRP B 213 -0.04 -17.79 -11.25
N SER B 214 -0.49 -16.82 -12.08
CA SER B 214 -1.90 -16.40 -12.15
C SER B 214 -2.82 -17.57 -12.47
N PHE B 215 -2.37 -18.47 -13.35
CA PHE B 215 -3.16 -19.67 -13.69
C PHE B 215 -3.37 -20.53 -12.45
N GLY B 216 -2.30 -20.69 -11.66
CA GLY B 216 -2.39 -21.47 -10.44
C GLY B 216 -3.48 -20.94 -9.54
N VAL B 217 -3.57 -19.61 -9.41
CA VAL B 217 -4.57 -18.97 -8.55
C VAL B 217 -5.97 -19.16 -9.16
N THR B 218 -6.05 -19.09 -10.50
CA THR B 218 -7.32 -19.30 -11.25
C THR B 218 -7.80 -20.74 -11.05
N LEU B 219 -6.85 -21.69 -11.09
CA LEU B 219 -7.17 -23.11 -10.87
C LEU B 219 -7.71 -23.31 -9.44
N HIS B 220 -7.13 -22.59 -8.47
CA HIS B 220 -7.60 -22.64 -7.09
C HIS B 220 -9.05 -22.13 -7.07
N GLU B 221 -9.38 -21.01 -7.78
CA GLU B 221 -10.76 -20.51 -7.83
C GLU B 221 -11.70 -21.55 -8.45
N LEU B 222 -11.28 -22.14 -9.58
CA LEU B 222 -12.07 -23.12 -10.31
C LEU B 222 -12.44 -24.28 -9.35
N LEU B 223 -11.44 -24.79 -8.61
CA LEU B 223 -11.59 -25.92 -7.70
C LEU B 223 -12.47 -25.59 -6.49
N THR B 224 -12.56 -24.29 -6.12
CA THR B 224 -13.42 -23.83 -5.04
C THR B 224 -14.78 -23.36 -5.57
N TYR B 225 -15.05 -23.60 -6.88
CA TYR B 225 -16.31 -23.18 -7.54
C TYR B 225 -16.55 -21.68 -7.42
N CYS B 226 -15.45 -20.89 -7.40
CA CYS B 226 -15.50 -19.44 -7.27
C CYS B 226 -16.32 -18.95 -6.07
N ASP B 227 -16.26 -19.67 -4.94
CA ASP B 227 -16.97 -19.26 -3.71
C ASP B 227 -16.28 -17.97 -3.21
N SER B 228 -17.04 -16.90 -3.03
CA SER B 228 -16.50 -15.60 -2.59
C SER B 228 -15.76 -15.68 -1.25
N ASP B 229 -16.24 -16.50 -0.30
CA ASP B 229 -15.61 -16.66 1.01
C ASP B 229 -14.26 -17.38 0.97
N SER B 230 -13.98 -18.15 -0.09
CA SER B 230 -12.66 -18.78 -0.21
C SER B 230 -11.89 -18.23 -1.42
N SER B 231 -12.21 -16.98 -1.81
CA SER B 231 -11.52 -16.32 -2.91
C SER B 231 -10.07 -16.06 -2.52
N PRO B 232 -9.15 -16.03 -3.51
CA PRO B 232 -7.73 -15.75 -3.19
C PRO B 232 -7.54 -14.45 -2.40
N MET B 233 -8.34 -13.39 -2.65
CA MET B 233 -8.28 -12.15 -1.89
C MET B 233 -8.68 -12.41 -0.43
N ALA B 234 -9.88 -12.99 -0.19
CA ALA B 234 -10.39 -13.36 1.15
C ALA B 234 -9.40 -14.22 1.90
N LEU B 235 -8.80 -15.22 1.23
CA LEU B 235 -7.83 -16.11 1.85
C LEU B 235 -6.52 -15.42 2.19
N PHE B 236 -5.96 -14.61 1.26
CA PHE B 236 -4.72 -13.92 1.54
C PHE B 236 -4.93 -12.83 2.61
N LEU B 237 -6.10 -12.15 2.63
CA LEU B 237 -6.39 -11.13 3.64
C LEU B 237 -6.56 -11.74 5.05
N LYS B 238 -6.96 -13.01 5.13
CA LYS B 238 -7.06 -13.72 6.41
C LYS B 238 -5.62 -14.05 6.86
N MET B 239 -4.74 -14.43 5.90
CA MET B 239 -3.33 -14.76 6.17
C MET B 239 -2.50 -13.54 6.64
N ILE B 240 -2.67 -12.38 5.97
CA ILE B 240 -1.84 -11.20 6.23
C ILE B 240 -2.52 -10.09 7.06
N GLY B 241 -3.85 -10.12 7.16
CA GLY B 241 -4.64 -9.13 7.88
C GLY B 241 -5.34 -8.20 6.91
N PRO B 242 -6.63 -7.84 7.13
CA PRO B 242 -7.33 -7.00 6.16
C PRO B 242 -7.30 -5.48 6.40
N THR B 243 -6.63 -5.02 7.48
CA THR B 243 -6.63 -3.57 7.81
C THR B 243 -5.22 -2.94 7.68
N HIS B 244 -4.47 -3.31 6.63
CA HIS B 244 -3.12 -2.77 6.42
C HIS B 244 -3.06 -1.65 5.36
N GLY B 245 -4.17 -1.43 4.64
CA GLY B 245 -4.31 -0.38 3.64
C GLY B 245 -3.21 -0.36 2.61
N GLN B 246 -2.45 0.76 2.56
CA GLN B 246 -1.32 0.95 1.64
C GLN B 246 -0.14 -0.02 1.87
N MET B 247 -0.11 -0.70 3.04
CA MET B 247 0.94 -1.68 3.39
C MET B 247 0.59 -3.13 2.96
N THR B 248 -0.63 -3.34 2.41
CA THR B 248 -1.11 -4.69 2.02
C THR B 248 -0.14 -5.42 1.08
N VAL B 249 0.29 -4.79 -0.01
CA VAL B 249 1.18 -5.43 -1.00
C VAL B 249 2.54 -5.81 -0.40
N THR B 250 3.21 -4.95 0.44
CA THR B 250 4.48 -5.39 1.04
C THR B 250 4.28 -6.58 1.98
N ARG B 251 3.16 -6.58 2.75
CA ARG B 251 2.81 -7.69 3.65
C ARG B 251 2.56 -8.97 2.84
N LEU B 252 1.90 -8.84 1.66
CA LEU B 252 1.68 -9.96 0.74
C LEU B 252 3.04 -10.49 0.21
N VAL B 253 3.95 -9.59 -0.25
CA VAL B 253 5.29 -9.97 -0.72
C VAL B 253 6.04 -10.70 0.39
N ASN B 254 5.95 -10.15 1.62
CA ASN B 254 6.63 -10.75 2.77
C ASN B 254 6.13 -12.17 3.02
N THR B 255 4.80 -12.37 3.00
CA THR B 255 4.13 -13.67 3.19
C THR B 255 4.60 -14.66 2.13
N LEU B 256 4.62 -14.24 0.84
CA LEU B 256 5.08 -15.12 -0.26
C LEU B 256 6.55 -15.46 -0.12
N LYS B 257 7.39 -14.48 0.32
CA LYS B 257 8.84 -14.68 0.53
C LYS B 257 9.07 -15.75 1.60
N GLU B 258 8.22 -15.74 2.66
CA GLU B 258 8.22 -16.72 3.76
C GLU B 258 7.81 -18.15 3.31
N GLY B 259 7.34 -18.28 2.06
CA GLY B 259 6.95 -19.55 1.45
C GLY B 259 5.50 -19.92 1.63
N LYS B 260 4.67 -19.01 2.18
CA LYS B 260 3.26 -19.23 2.44
C LYS B 260 2.46 -19.13 1.12
N ARG B 261 1.55 -20.09 0.90
CA ARG B 261 0.75 -20.15 -0.31
C ARG B 261 -0.69 -20.41 0.02
N LEU B 262 -1.57 -20.33 -0.99
CA LEU B 262 -2.98 -20.64 -0.81
C LEU B 262 -3.09 -22.12 -0.45
N PRO B 263 -3.98 -22.49 0.49
CA PRO B 263 -4.08 -23.90 0.90
C PRO B 263 -4.77 -24.75 -0.15
N CYS B 264 -4.68 -26.08 0.00
CA CYS B 264 -5.36 -27.02 -0.87
C CYS B 264 -6.86 -26.80 -0.81
N PRO B 265 -7.54 -26.61 -1.98
CA PRO B 265 -8.99 -26.46 -1.95
C PRO B 265 -9.67 -27.69 -1.35
N PRO B 266 -10.87 -27.53 -0.73
CA PRO B 266 -11.58 -28.71 -0.21
C PRO B 266 -11.85 -29.72 -1.32
N ASN B 267 -11.67 -31.01 -1.00
CA ASN B 267 -11.88 -32.16 -1.90
C ASN B 267 -10.92 -32.21 -3.10
N CYS B 268 -9.91 -31.34 -3.12
CA CYS B 268 -8.93 -31.36 -4.22
C CYS B 268 -7.91 -32.46 -3.91
N PRO B 269 -7.70 -33.45 -4.81
CA PRO B 269 -6.68 -34.47 -4.53
C PRO B 269 -5.28 -33.86 -4.53
N ASP B 270 -4.37 -34.44 -3.75
CA ASP B 270 -3.01 -33.95 -3.64
C ASP B 270 -2.30 -33.86 -5.00
N GLU B 271 -2.53 -34.81 -5.90
CA GLU B 271 -1.95 -34.83 -7.26
C GLU B 271 -2.28 -33.53 -8.03
N VAL B 272 -3.52 -33.01 -7.88
CA VAL B 272 -3.93 -31.76 -8.54
C VAL B 272 -3.27 -30.59 -7.80
N TYR B 273 -3.31 -30.60 -6.44
CA TYR B 273 -2.67 -29.56 -5.62
C TYR B 273 -1.20 -29.42 -5.93
N GLN B 274 -0.51 -30.55 -6.19
CA GLN B 274 0.92 -30.53 -6.53
C GLN B 274 1.20 -29.81 -7.86
N LEU B 275 0.32 -29.99 -8.85
CA LEU B 275 0.43 -29.29 -10.14
C LEU B 275 0.24 -27.77 -9.94
N MET B 276 -0.67 -27.39 -9.05
CA MET B 276 -0.97 -26.01 -8.64
C MET B 276 0.24 -25.36 -7.94
N ARG B 277 0.90 -26.11 -7.02
CA ARG B 277 2.08 -25.62 -6.28
C ARG B 277 3.24 -25.31 -7.20
N LYS B 278 3.36 -26.06 -8.31
CA LYS B 278 4.39 -25.87 -9.33
C LYS B 278 4.21 -24.53 -10.09
N CYS B 279 3.00 -23.92 -9.99
CA CYS B 279 2.70 -22.62 -10.58
C CYS B 279 3.22 -21.53 -9.62
N TRP B 280 3.45 -21.90 -8.35
CA TRP B 280 3.78 -20.95 -7.31
C TRP B 280 5.21 -21.01 -6.76
N GLU B 281 6.16 -21.49 -7.55
CA GLU B 281 7.60 -21.47 -7.23
C GLU B 281 7.98 -19.96 -7.21
N PHE B 282 8.70 -19.51 -6.16
CA PHE B 282 9.04 -18.10 -6.01
C PHE B 282 9.74 -17.50 -7.24
N GLN B 283 10.75 -18.22 -7.77
CA GLN B 283 11.52 -17.80 -8.94
C GLN B 283 10.79 -18.16 -10.21
N PRO B 284 10.56 -17.20 -11.14
CA PRO B 284 9.87 -17.54 -12.40
C PRO B 284 10.47 -18.71 -13.19
N SER B 285 11.80 -18.86 -13.18
CA SER B 285 12.50 -19.92 -13.91
C SER B 285 12.23 -21.35 -13.38
N ASN B 286 11.84 -21.49 -12.09
CA ASN B 286 11.52 -22.80 -11.47
C ASN B 286 10.06 -23.23 -11.65
N ARG B 287 9.22 -22.34 -12.19
CA ARG B 287 7.80 -22.62 -12.38
C ARG B 287 7.55 -23.53 -13.55
N THR B 288 6.45 -24.30 -13.48
CA THR B 288 6.02 -25.18 -14.55
C THR B 288 5.61 -24.33 -15.77
N SER B 289 5.49 -24.94 -16.93
CA SER B 289 5.02 -24.28 -18.13
C SER B 289 3.57 -24.70 -18.34
N PHE B 290 2.86 -24.05 -19.29
CA PHE B 290 1.49 -24.43 -19.63
C PHE B 290 1.50 -25.80 -20.30
N GLN B 291 2.53 -26.10 -21.11
CA GLN B 291 2.61 -27.40 -21.78
C GLN B 291 2.71 -28.55 -20.75
N ASN B 292 3.52 -28.36 -19.69
CA ASN B 292 3.68 -29.35 -18.61
C ASN B 292 2.38 -29.52 -17.80
N LEU B 293 1.65 -28.42 -17.59
CA LEU B 293 0.35 -28.48 -16.90
C LEU B 293 -0.66 -29.32 -17.69
N ILE B 294 -0.77 -29.08 -19.02
CA ILE B 294 -1.66 -29.81 -19.92
C ILE B 294 -1.37 -31.30 -19.80
N GLU B 295 -0.08 -31.68 -19.87
CA GLU B 295 0.36 -33.07 -19.72
C GLU B 295 -0.09 -33.66 -18.38
N GLY B 296 0.14 -32.92 -17.29
CA GLY B 296 -0.23 -33.33 -15.93
C GLY B 296 -1.72 -33.58 -15.79
N PHE B 297 -2.55 -32.61 -16.23
CA PHE B 297 -4.00 -32.79 -16.15
C PHE B 297 -4.51 -33.92 -17.02
N GLU B 298 -4.02 -34.03 -18.28
CA GLU B 298 -4.44 -35.10 -19.20
C GLU B 298 -4.14 -36.49 -18.59
N ALA B 299 -2.98 -36.64 -17.90
CA ALA B 299 -2.56 -37.88 -17.21
C ALA B 299 -3.57 -38.24 -16.11
N LEU B 300 -4.12 -37.24 -15.44
CA LEU B 300 -5.11 -37.44 -14.39
C LEU B 300 -6.48 -37.75 -14.99
N LEU B 301 -6.73 -37.31 -16.23
CA LEU B 301 -8.01 -37.53 -16.92
C LEU B 301 -8.15 -38.91 -17.58
N LYS B 302 -7.04 -39.52 -18.05
CA LYS B 302 -7.03 -40.83 -18.74
C LYS B 302 -7.48 -41.99 -17.84
C1 B7V C . 2.63 21.94 21.35
C2 B7V C . 2.19 19.96 19.75
C3 B7V C . 1.59 18.69 17.64
C7 B7V C . 2.69 18.42 16.56
C8 B7V C . 3.97 18.11 17.22
C9 B7V C . 2.05 21.96 18.80
C10 B7V C . 1.75 24.17 17.62
C11 B7V C . 1.47 23.60 16.37
C12 B7V C . 1.18 24.41 15.28
C13 B7V C . 1.05 22.54 13.78
C14 B7V C . 1.11 25.80 15.47
C15 B7V C . 1.39 26.35 16.71
C16 B7V C . 1.70 25.55 17.78
CL B7V C . 0.70 26.82 14.15
O2 B7V C . 1.01 23.96 14.01
N4 B7V C . 2.04 23.33 18.72
C B7V C . 2.32 21.29 20.05
N B7V C . 2.95 21.15 22.35
O B7V C . 2.59 23.16 21.44
N3 B7V C . 1.81 21.11 17.84
N1 B7V C . 1.89 19.90 18.45
N2 B7V C . 4.97 17.86 17.69
C6 B7V C . 2.26 17.24 15.68
C5 B7V C . 0.89 17.50 15.10
O1 B7V C . -0.10 17.69 16.11
C4 B7V C . 0.23 18.82 16.96
C1 B7V D . -19.03 -12.05 -23.27
C2 B7V D . -17.42 -10.77 -21.70
C3 B7V D . -16.48 -9.71 -19.59
C7 B7V D . -15.73 -10.61 -18.52
C8 B7V D . -14.88 -11.59 -19.21
C9 B7V D . -19.21 -11.61 -20.70
C10 B7V D . -21.22 -12.39 -19.43
C11 B7V D . -20.79 -11.92 -18.19
C12 B7V D . -21.63 -12.02 -17.07
C13 B7V D . -19.96 -11.08 -15.60
C14 B7V D . -22.89 -12.56 -17.23
C15 B7V D . -23.33 -13.04 -18.46
C16 B7V D . -22.48 -12.95 -19.56
CL B7V D . -23.96 -12.68 -15.86
O2 B7V D . -21.26 -11.66 -15.81
N4 B7V D . -20.42 -12.24 -20.58
C B7V D . -18.55 -11.50 -21.97
N B7V D . -18.22 -11.99 -24.31
O B7V D . -20.16 -12.57 -23.35
N3 B7V D . -18.54 -11.01 -19.73
N1 B7V D . -17.44 -10.50 -20.39
N2 B7V D . -14.25 -12.37 -19.76
C6 B7V D . -14.83 -9.71 -17.65
C5 B7V D . -15.64 -8.58 -17.08
O1 B7V D . -16.23 -7.80 -18.12
C4 B7V D . -17.21 -8.59 -18.83
#